data_7BG3
#
_entry.id   7BG3
#
_cell.length_a   82.153
_cell.length_b   112.207
_cell.length_c   62.803
_cell.angle_alpha   90.000
_cell.angle_beta   90.000
_cell.angle_gamma   90.000
#
_symmetry.space_group_name_H-M   'C 2 2 21'
#
loop_
_entity.id
_entity.type
_entity.pdbx_description
1 polymer '14-3-3 protein sigma'
2 polymer 'Peptidyl-prolyl cis-trans isomerase NIMA-interacting 1'
3 non-polymer 1-(3-bromanyl-4-methyl-phenyl)-2-(2-bromophenyl)imidazole
4 non-polymer 'CALCIUM ION'
5 non-polymer 'CHLORIDE ION'
6 water water
#
loop_
_entity_poly.entity_id
_entity_poly.type
_entity_poly.pdbx_seq_one_letter_code
_entity_poly.pdbx_strand_id
1 'polypeptide(L)'
;AMGSMERASLIQKAKLAEQAERYEDMAAFMKGAVEKGEELS(CSO)EERNLLSVAYKNVVGGQRAAWRVLSSIEQKSNEE
GSEEKGPEVREYREKVETELQGVCDTVLGLLDSHLIKEAGDAESRVFYLKMKGDYYRYLAEVATGDDKKRIIDSARSAYQ
EAMDISKKEMPPTNPIRLGLALNFSVFHYEIANSPEEAISLAKTTFDEAMADLHTLSEDSYKDSTLIMQLLRDNLTLWTA
DNAGEEGGEAPQEPQS
;
A
2 'polypeptide(L)' LVKHSQSRRPS(SEP)WRQEK P
#
# COMPACT_ATOMS: atom_id res chain seq x y z
N ALA A 1 22.03 9.25 4.04
CA ALA A 1 22.29 10.45 3.23
C ALA A 1 21.61 11.68 3.82
N MET A 2 20.55 11.44 4.60
CA MET A 2 19.82 12.52 5.25
C MET A 2 20.22 12.69 6.71
N GLY A 3 21.29 12.01 7.15
CA GLY A 3 21.66 12.00 8.55
C GLY A 3 22.01 13.36 9.12
N SER A 4 22.46 14.30 8.28
N SER A 4 22.46 14.29 8.27
CA SER A 4 22.85 15.61 8.76
CA SER A 4 22.86 15.62 8.75
C SER A 4 21.73 16.64 8.74
C SER A 4 21.71 16.60 8.83
N MET A 5 20.55 16.30 8.26
CA MET A 5 19.43 17.23 8.23
C MET A 5 18.52 17.02 9.44
N GLU A 6 18.07 18.12 10.02
CA GLU A 6 17.14 18.08 11.15
C GLU A 6 15.86 17.35 10.76
N ARG A 7 15.31 16.60 11.73
CA ARG A 7 14.03 15.94 11.51
C ARG A 7 12.96 16.90 11.01
N ALA A 8 12.82 18.06 11.66
CA ALA A 8 11.75 18.98 11.25
C ALA A 8 11.97 19.50 9.84
N SER A 9 13.25 19.69 9.45
CA SER A 9 13.55 20.15 8.10
C SER A 9 13.23 19.09 7.07
N LEU A 10 13.47 17.81 7.39
CA LEU A 10 13.10 16.72 6.49
C LEU A 10 11.60 16.68 6.28
N ILE A 11 10.82 16.85 7.36
N ILE A 11 10.81 16.88 7.34
CA ILE A 11 9.36 16.86 7.24
CA ILE A 11 9.36 16.84 7.19
C ILE A 11 8.91 18.05 6.40
C ILE A 11 8.88 18.06 6.40
N GLN A 12 9.46 19.23 6.66
CA GLN A 12 9.10 20.41 5.87
C GLN A 12 9.41 20.20 4.40
N LYS A 13 10.59 19.65 4.10
CA LYS A 13 10.96 19.40 2.71
C LYS A 13 10.10 18.31 2.08
N ALA A 14 9.69 17.29 2.83
CA ALA A 14 8.76 16.31 2.26
C ALA A 14 7.46 16.97 1.82
N LYS A 15 6.96 17.94 2.61
CA LYS A 15 5.73 18.61 2.23
C LYS A 15 5.94 19.47 0.99
N LEU A 16 7.10 20.13 0.88
CA LEU A 16 7.41 20.91 -0.32
C LEU A 16 7.54 20.00 -1.54
N ALA A 17 8.20 18.85 -1.36
CA ALA A 17 8.33 17.90 -2.46
C ALA A 17 6.97 17.40 -2.94
N GLU A 18 6.05 17.14 -2.00
CA GLU A 18 4.69 16.78 -2.41
C GLU A 18 4.07 17.87 -3.27
N GLN A 19 4.17 19.12 -2.84
CA GLN A 19 3.59 20.22 -3.62
C GLN A 19 4.20 20.32 -5.00
N ALA A 20 5.49 20.00 -5.13
CA ALA A 20 6.19 20.06 -6.41
C ALA A 20 6.08 18.76 -7.20
N GLU A 21 5.35 17.78 -6.68
CA GLU A 21 5.18 16.47 -7.33
C GLU A 21 6.52 15.76 -7.56
N ARG A 22 7.42 15.90 -6.58
CA ARG A 22 8.75 15.30 -6.61
C ARG A 22 8.71 14.15 -5.60
N TYR A 23 8.09 13.05 -6.01
CA TYR A 23 7.78 11.99 -5.05
C TYR A 23 9.01 11.17 -4.66
N GLU A 24 9.97 11.01 -5.55
N GLU A 24 9.97 11.01 -5.55
CA GLU A 24 11.22 10.36 -5.16
CA GLU A 24 11.22 10.36 -5.16
C GLU A 24 11.92 11.15 -4.06
C GLU A 24 11.92 11.15 -4.06
N ASP A 25 12.00 12.48 -4.21
CA ASP A 25 12.58 13.30 -3.16
C ASP A 25 11.75 13.19 -1.88
N MET A 26 10.43 13.24 -2.01
CA MET A 26 9.56 13.14 -0.84
C MET A 26 9.84 11.86 -0.07
N ALA A 27 9.98 10.73 -0.78
CA ALA A 27 10.25 9.47 -0.11
C ALA A 27 11.61 9.46 0.56
N ALA A 28 12.62 10.06 -0.09
CA ALA A 28 13.94 10.11 0.53
C ALA A 28 13.92 10.97 1.79
N PHE A 29 13.20 12.10 1.77
CA PHE A 29 13.09 12.93 2.97
C PHE A 29 12.38 12.16 4.09
N MET A 30 11.30 11.45 3.76
CA MET A 30 10.57 10.73 4.81
C MET A 30 11.36 9.52 5.32
N LYS A 31 12.12 8.84 4.46
CA LYS A 31 13.02 7.79 4.95
C LYS A 31 14.02 8.38 5.94
N GLY A 32 14.59 9.55 5.61
CA GLY A 32 15.48 10.21 6.55
C GLY A 32 14.79 10.53 7.87
N ALA A 33 13.54 10.99 7.81
CA ALA A 33 12.82 11.27 9.05
C ALA A 33 12.59 10.00 9.87
N VAL A 34 12.17 8.91 9.23
CA VAL A 34 12.00 7.67 9.97
C VAL A 34 13.30 7.27 10.64
N GLU A 35 14.42 7.42 9.93
CA GLU A 35 15.70 6.95 10.46
C GLU A 35 16.20 7.80 11.61
N LYS A 36 15.55 8.93 11.93
CA LYS A 36 15.87 9.63 13.15
C LYS A 36 15.53 8.81 14.39
N GLY A 37 14.66 7.80 14.25
CA GLY A 37 14.39 6.90 15.33
C GLY A 37 13.18 7.23 16.19
N GLU A 38 12.60 8.40 16.02
N GLU A 38 12.57 8.39 15.99
CA GLU A 38 11.40 8.73 16.76
CA GLU A 38 11.40 8.77 16.75
C GLU A 38 10.17 8.17 16.06
C GLU A 38 10.13 8.30 16.03
N GLU A 39 9.10 7.99 16.83
CA GLU A 39 7.82 7.59 16.25
C GLU A 39 7.28 8.71 15.35
N LEU A 40 6.38 8.33 14.44
CA LEU A 40 5.78 9.26 13.50
C LEU A 40 4.37 9.63 13.97
N SER A 41 4.03 10.90 13.83
CA SER A 41 2.67 11.35 14.04
C SER A 41 1.74 10.90 12.91
N GLU A 43 0.06 12.69 10.75
CA GLU A 43 0.35 13.42 9.52
C GLU A 43 1.64 12.91 8.87
N GLU A 44 2.63 12.61 9.72
CA GLU A 44 3.92 12.13 9.21
C GLU A 44 3.79 10.73 8.60
N ARG A 45 2.98 9.85 9.22
CA ARG A 45 2.73 8.55 8.63
C ARG A 45 2.09 8.69 7.26
N ASN A 46 1.15 9.63 7.13
CA ASN A 46 0.52 9.83 5.83
C ASN A 46 1.53 10.33 4.80
N LEU A 47 2.44 11.22 5.18
CA LEU A 47 3.46 11.67 4.24
C LEU A 47 4.33 10.52 3.77
N LEU A 48 4.73 9.64 4.69
CA LEU A 48 5.53 8.47 4.33
C LEU A 48 4.77 7.61 3.33
N SER A 49 3.49 7.35 3.61
CA SER A 49 2.70 6.48 2.74
C SER A 49 2.50 7.09 1.36
N VAL A 50 2.12 8.37 1.31
CA VAL A 50 1.91 9.03 0.02
C VAL A 50 3.17 9.00 -0.83
N ALA A 51 4.32 9.26 -0.21
CA ALA A 51 5.57 9.34 -0.97
C ALA A 51 5.86 8.01 -1.64
N TYR A 52 5.89 6.93 -0.85
CA TYR A 52 6.25 5.64 -1.41
C TYR A 52 5.17 5.08 -2.32
N LYS A 53 3.90 5.38 -2.06
CA LYS A 53 2.85 4.87 -2.94
C LYS A 53 2.98 5.47 -4.32
N ASN A 54 3.38 6.74 -4.40
CA ASN A 54 3.56 7.37 -5.69
C ASN A 54 4.77 6.82 -6.41
N VAL A 55 5.88 6.62 -5.68
CA VAL A 55 7.07 6.05 -6.31
C VAL A 55 6.78 4.65 -6.84
N VAL A 56 6.27 3.78 -5.98
N VAL A 56 6.31 3.75 -5.98
CA VAL A 56 6.04 2.40 -6.40
CA VAL A 56 6.05 2.39 -6.45
C VAL A 56 4.89 2.32 -7.39
C VAL A 56 4.96 2.39 -7.49
N GLY A 57 3.95 3.27 -7.35
CA GLY A 57 2.87 3.26 -8.31
C GLY A 57 3.35 3.52 -9.72
N GLY A 58 4.30 4.43 -9.88
CA GLY A 58 4.89 4.65 -11.20
C GLY A 58 5.65 3.43 -11.68
N GLN A 59 6.37 2.76 -10.76
CA GLN A 59 7.12 1.57 -11.15
C GLN A 59 6.18 0.43 -11.55
N ARG A 60 5.09 0.23 -10.81
CA ARG A 60 4.14 -0.82 -11.13
C ARG A 60 3.50 -0.55 -12.49
N ALA A 61 3.15 0.70 -12.75
CA ALA A 61 2.54 1.03 -14.04
C ALA A 61 3.52 0.73 -15.18
N ALA A 62 4.79 1.08 -15.00
CA ALA A 62 5.78 0.81 -16.03
C ALA A 62 6.01 -0.68 -16.20
N TRP A 63 6.08 -1.42 -15.09
CA TRP A 63 6.25 -2.86 -15.15
C TRP A 63 5.10 -3.52 -15.92
N ARG A 64 3.87 -3.01 -15.72
CA ARG A 64 2.73 -3.62 -16.40
C ARG A 64 2.80 -3.36 -17.91
N VAL A 65 3.21 -2.16 -18.31
CA VAL A 65 3.38 -1.86 -19.73
C VAL A 65 4.40 -2.83 -20.34
N LEU A 66 5.56 -2.97 -19.69
CA LEU A 66 6.63 -3.78 -20.22
C LEU A 66 6.27 -5.26 -20.20
N SER A 67 5.60 -5.71 -19.14
N SER A 67 5.60 -5.71 -19.14
CA SER A 67 5.19 -7.12 -19.07
CA SER A 67 5.18 -7.12 -19.09
C SER A 67 4.21 -7.46 -20.19
C SER A 67 4.23 -7.45 -20.21
N SER A 68 3.32 -6.53 -20.53
CA SER A 68 2.39 -6.77 -21.63
C SER A 68 3.13 -6.87 -22.97
N ILE A 69 4.10 -5.98 -23.20
CA ILE A 69 4.89 -6.04 -24.42
C ILE A 69 5.66 -7.37 -24.49
N GLU A 70 6.20 -7.80 -23.35
CA GLU A 70 6.96 -9.05 -23.32
C GLU A 70 6.07 -10.24 -23.61
N GLN A 71 4.85 -10.23 -23.07
CA GLN A 71 3.92 -11.33 -23.31
C GLN A 71 3.54 -11.41 -24.79
N LYS A 72 3.25 -10.26 -25.41
CA LYS A 72 2.96 -10.25 -26.84
C LYS A 72 4.13 -10.76 -27.66
N SER A 73 5.36 -10.48 -27.22
N SER A 73 5.36 -10.49 -27.21
CA SER A 73 6.54 -10.99 -27.91
CA SER A 73 6.53 -10.98 -27.93
C SER A 73 6.63 -12.51 -27.84
C SER A 73 6.71 -12.48 -27.78
N ASN A 74 6.13 -13.09 -26.75
CA ASN A 74 6.21 -14.53 -26.54
C ASN A 74 4.91 -15.23 -26.93
N GLU A 75 4.39 -14.90 -28.11
CA GLU A 75 3.19 -15.56 -28.62
C GLU A 75 3.35 -15.90 -30.10
N GLU A 79 7.39 -12.08 -34.14
CA GLU A 79 8.78 -11.94 -34.59
C GLU A 79 9.72 -12.14 -33.41
N GLU A 80 10.60 -13.14 -33.54
CA GLU A 80 11.45 -13.59 -32.44
C GLU A 80 12.51 -12.56 -32.07
N LYS A 81 12.09 -11.45 -31.46
CA LYS A 81 13.01 -10.37 -31.13
C LYS A 81 14.00 -10.80 -30.06
N GLY A 82 14.96 -9.92 -29.75
CA GLY A 82 16.06 -10.22 -28.87
C GLY A 82 15.72 -10.08 -27.40
N PRO A 83 16.75 -9.93 -26.56
CA PRO A 83 16.57 -9.96 -25.11
C PRO A 83 16.14 -8.63 -24.49
N GLU A 84 15.97 -7.58 -25.29
CA GLU A 84 15.89 -6.23 -24.72
C GLU A 84 14.63 -6.03 -23.89
N VAL A 85 13.48 -6.55 -24.34
CA VAL A 85 12.25 -6.32 -23.59
C VAL A 85 12.32 -6.99 -22.23
N ARG A 86 12.75 -8.25 -22.20
CA ARG A 86 12.92 -8.95 -20.94
C ARG A 86 13.94 -8.23 -20.06
N GLU A 87 15.08 -7.81 -20.64
CA GLU A 87 16.10 -7.14 -19.85
C GLU A 87 15.56 -5.88 -19.20
N TYR A 88 14.81 -5.09 -19.97
CA TYR A 88 14.33 -3.82 -19.42
C TYR A 88 13.20 -4.06 -18.40
N ARG A 89 12.30 -5.02 -18.67
CA ARG A 89 11.32 -5.39 -17.67
C ARG A 89 12.01 -5.84 -16.38
N GLU A 90 13.08 -6.61 -16.49
CA GLU A 90 13.82 -7.06 -15.31
C GLU A 90 14.45 -5.89 -14.59
N LYS A 91 14.95 -4.89 -15.33
CA LYS A 91 15.55 -3.72 -14.69
C LYS A 91 14.51 -2.97 -13.86
N VAL A 92 13.35 -2.71 -14.45
CA VAL A 92 12.27 -2.02 -13.72
C VAL A 92 11.81 -2.86 -12.55
N GLU A 93 11.70 -4.18 -12.75
CA GLU A 93 11.28 -5.07 -11.68
C GLU A 93 12.25 -5.04 -10.50
N THR A 94 13.55 -5.04 -10.77
CA THR A 94 14.54 -5.01 -9.69
C THR A 94 14.47 -3.69 -8.93
N GLU A 95 14.20 -2.58 -9.63
N GLU A 95 14.25 -2.59 -9.65
CA GLU A 95 14.10 -1.29 -8.96
CA GLU A 95 14.09 -1.29 -8.99
C GLU A 95 12.84 -1.20 -8.13
C GLU A 95 12.88 -1.32 -8.08
N LEU A 96 11.75 -1.82 -8.59
CA LEU A 96 10.53 -1.91 -7.79
C LEU A 96 10.75 -2.74 -6.55
N GLN A 97 11.38 -3.91 -6.69
CA GLN A 97 11.64 -4.75 -5.54
C GLN A 97 12.52 -4.03 -4.54
N GLY A 98 13.48 -3.24 -5.01
CA GLY A 98 14.32 -2.48 -4.10
C GLY A 98 13.54 -1.46 -3.30
N VAL A 99 12.58 -0.79 -3.93
CA VAL A 99 11.77 0.17 -3.18
C VAL A 99 10.90 -0.55 -2.16
N CYS A 100 10.28 -1.68 -2.54
CA CYS A 100 9.48 -2.43 -1.58
C CYS A 100 10.33 -2.91 -0.41
N ASP A 101 11.54 -3.40 -0.69
CA ASP A 101 12.42 -3.85 0.38
C ASP A 101 12.82 -2.69 1.29
N THR A 102 13.00 -1.50 0.72
CA THR A 102 13.32 -0.34 1.53
C THR A 102 12.18 -0.02 2.50
N VAL A 103 10.95 0.01 1.99
CA VAL A 103 9.80 0.30 2.86
C VAL A 103 9.66 -0.78 3.93
N LEU A 104 9.72 -2.06 3.53
CA LEU A 104 9.59 -3.13 4.50
C LEU A 104 10.70 -3.05 5.54
N GLY A 105 11.88 -2.60 5.14
CA GLY A 105 12.96 -2.44 6.10
C GLY A 105 12.70 -1.34 7.11
N LEU A 106 12.08 -0.23 6.68
CA LEU A 106 11.70 0.81 7.62
C LEU A 106 10.64 0.30 8.60
N LEU A 107 9.67 -0.46 8.09
CA LEU A 107 8.64 -1.00 8.96
C LEU A 107 9.24 -1.96 9.99
N ASP A 108 10.23 -2.76 9.58
CA ASP A 108 10.84 -3.73 10.48
C ASP A 108 11.88 -3.11 11.40
N SER A 109 12.39 -1.93 11.08
CA SER A 109 13.49 -1.31 11.85
C SER A 109 13.23 0.19 11.93
N HIS A 110 12.34 0.63 12.83
CA HIS A 110 11.67 -0.19 13.84
C HIS A 110 10.26 0.31 14.04
N LEU A 111 9.58 0.71 12.95
CA LEU A 111 8.29 1.37 13.09
C LEU A 111 7.24 0.47 13.74
N ILE A 112 7.15 -0.78 13.28
CA ILE A 112 6.08 -1.64 13.80
C ILE A 112 6.28 -1.95 15.27
N LYS A 113 7.51 -2.31 15.66
CA LYS A 113 7.71 -2.74 17.04
C LYS A 113 7.46 -1.61 18.03
N GLU A 114 7.63 -0.35 17.64
N GLU A 114 7.63 -0.35 17.60
CA GLU A 114 7.35 0.73 18.57
CA GLU A 114 7.41 0.80 18.46
C GLU A 114 5.92 1.23 18.52
C GLU A 114 5.98 1.33 18.41
N ALA A 115 5.12 0.77 17.55
CA ALA A 115 3.75 1.26 17.39
C ALA A 115 2.83 0.50 18.34
N GLY A 116 2.36 1.20 19.38
CA GLY A 116 1.51 0.61 20.40
C GLY A 116 0.05 1.00 20.29
N ASP A 117 -0.23 2.20 19.80
CA ASP A 117 -1.61 2.58 19.61
C ASP A 117 -2.17 1.88 18.39
N ALA A 118 -3.48 1.58 18.43
CA ALA A 118 -4.10 0.84 17.34
C ALA A 118 -3.96 1.57 16.02
N GLU A 119 -4.12 2.90 16.03
CA GLU A 119 -4.06 3.63 14.77
C GLU A 119 -2.71 3.48 14.09
N SER A 120 -1.62 3.60 14.86
CA SER A 120 -0.30 3.47 14.24
C SER A 120 -0.01 2.04 13.84
N ARG A 121 -0.33 1.07 14.72
CA ARG A 121 0.00 -0.31 14.42
C ARG A 121 -0.75 -0.82 13.19
N VAL A 122 -2.05 -0.53 13.10
CA VAL A 122 -2.83 -0.92 11.92
C VAL A 122 -2.28 -0.26 10.67
N PHE A 123 -1.94 1.04 10.75
CA PHE A 123 -1.38 1.74 9.60
C PHE A 123 -0.15 1.03 9.08
N TYR A 124 0.79 0.66 9.97
CA TYR A 124 2.04 0.09 9.52
C TYR A 124 1.85 -1.34 9.03
N LEU A 125 0.96 -2.10 9.66
CA LEU A 125 0.71 -3.46 9.18
C LEU A 125 0.02 -3.46 7.83
N LYS A 126 -0.89 -2.50 7.60
CA LYS A 126 -1.46 -2.33 6.28
C LYS A 126 -0.37 -2.05 5.24
N MET A 127 0.57 -1.16 5.59
N MET A 127 0.56 -1.15 5.58
CA MET A 127 1.67 -0.88 4.68
CA MET A 127 1.68 -0.88 4.68
C MET A 127 2.49 -2.13 4.40
C MET A 127 2.48 -2.14 4.39
N LYS A 128 2.75 -2.94 5.44
CA LYS A 128 3.51 -4.17 5.25
C LYS A 128 2.78 -5.11 4.29
N GLY A 129 1.47 -5.27 4.47
CA GLY A 129 0.69 -6.07 3.54
C GLY A 129 0.77 -5.53 2.12
N ASP A 130 0.63 -4.21 1.97
CA ASP A 130 0.65 -3.59 0.64
C ASP A 130 1.98 -3.87 -0.07
N TYR A 131 3.10 -3.68 0.63
CA TYR A 131 4.39 -3.81 -0.06
C TYR A 131 4.74 -5.27 -0.33
N TYR A 132 4.31 -6.21 0.53
CA TYR A 132 4.42 -7.61 0.14
C TYR A 132 3.50 -7.92 -1.04
N ARG A 133 2.33 -7.28 -1.10
CA ARG A 133 1.45 -7.48 -2.25
C ARG A 133 2.11 -7.01 -3.54
N TYR A 134 2.80 -5.86 -3.50
CA TYR A 134 3.50 -5.40 -4.70
C TYR A 134 4.63 -6.35 -5.08
N LEU A 135 5.35 -6.89 -4.10
CA LEU A 135 6.34 -7.93 -4.41
C LEU A 135 5.66 -9.15 -5.03
N ALA A 136 4.48 -9.53 -4.54
CA ALA A 136 3.80 -10.71 -5.08
C ALA A 136 3.36 -10.51 -6.51
N GLU A 137 3.03 -9.26 -6.90
CA GLU A 137 2.58 -8.98 -8.27
C GLU A 137 3.64 -9.35 -9.30
N VAL A 138 4.92 -9.31 -8.93
CA VAL A 138 6.02 -9.58 -9.86
C VAL A 138 6.71 -10.90 -9.56
N ALA A 139 6.28 -11.63 -8.54
CA ALA A 139 6.98 -12.82 -8.10
C ALA A 139 6.64 -14.02 -8.97
N THR A 140 7.66 -14.86 -9.24
CA THR A 140 7.50 -16.05 -10.06
C THR A 140 8.27 -17.27 -9.57
N GLY A 141 9.09 -17.15 -8.53
CA GLY A 141 10.07 -18.16 -8.19
C GLY A 141 9.73 -18.98 -6.97
N ASP A 142 10.78 -19.55 -6.35
CA ASP A 142 10.62 -20.48 -5.23
C ASP A 142 9.87 -19.85 -4.06
N ASP A 143 9.97 -18.55 -3.88
CA ASP A 143 9.46 -17.88 -2.69
C ASP A 143 8.13 -17.19 -2.90
N LYS A 144 7.48 -17.39 -4.06
CA LYS A 144 6.26 -16.64 -4.35
C LYS A 144 5.15 -16.95 -3.35
N LYS A 145 4.97 -18.23 -3.00
CA LYS A 145 3.96 -18.56 -2.00
C LYS A 145 4.28 -17.92 -0.67
N ARG A 146 5.57 -17.84 -0.32
CA ARG A 146 5.90 -17.24 0.96
C ARG A 146 5.69 -15.72 0.95
N ILE A 147 5.92 -15.07 -0.20
CA ILE A 147 5.64 -13.63 -0.30
C ILE A 147 4.15 -13.38 -0.14
N ILE A 148 3.33 -14.20 -0.80
CA ILE A 148 1.88 -14.09 -0.67
C ILE A 148 1.45 -14.28 0.77
N ASP A 149 2.04 -15.28 1.45
CA ASP A 149 1.64 -15.50 2.83
C ASP A 149 2.09 -14.37 3.74
N SER A 150 3.22 -13.75 3.44
CA SER A 150 3.66 -12.61 4.22
C SER A 150 2.69 -11.44 4.10
N ALA A 151 2.19 -11.19 2.88
CA ALA A 151 1.15 -10.16 2.72
C ALA A 151 -0.09 -10.53 3.51
N ARG A 152 -0.57 -11.77 3.37
N ARG A 152 -0.57 -11.77 3.37
CA ARG A 152 -1.76 -12.22 4.06
CA ARG A 152 -1.79 -12.19 4.07
C ARG A 152 -1.63 -12.06 5.56
C ARG A 152 -1.63 -12.06 5.57
N SER A 153 -0.49 -12.48 6.12
CA SER A 153 -0.29 -12.45 7.56
C SER A 153 -0.32 -11.02 8.09
N ALA A 154 0.31 -10.09 7.37
CA ALA A 154 0.33 -8.70 7.83
C ALA A 154 -1.08 -8.10 7.77
N TYR A 155 -1.79 -8.32 6.65
CA TYR A 155 -3.16 -7.84 6.55
C TYR A 155 -4.05 -8.43 7.63
N GLN A 156 -3.88 -9.73 7.92
CA GLN A 156 -4.74 -10.39 8.89
C GLN A 156 -4.51 -9.84 10.29
N GLU A 157 -3.26 -9.62 10.68
CA GLU A 157 -3.02 -9.02 11.99
C GLU A 157 -3.62 -7.63 12.08
N ALA A 158 -3.47 -6.83 11.01
CA ALA A 158 -4.07 -5.51 10.99
C ALA A 158 -5.59 -5.59 11.10
N MET A 159 -6.20 -6.53 10.38
N MET A 159 -6.20 -6.53 10.39
CA MET A 159 -7.65 -6.69 10.47
CA MET A 159 -7.64 -6.72 10.45
C MET A 159 -8.07 -7.03 11.89
C MET A 159 -8.09 -7.07 11.86
N ASP A 160 -7.37 -7.98 12.52
CA ASP A 160 -7.75 -8.39 13.87
C ASP A 160 -7.72 -7.22 14.83
N ILE A 161 -6.67 -6.40 14.77
CA ILE A 161 -6.58 -5.24 15.64
C ILE A 161 -7.69 -4.24 15.31
N SER A 162 -7.90 -3.99 14.01
CA SER A 162 -8.85 -2.96 13.60
C SER A 162 -10.28 -3.31 14.04
N LYS A 163 -10.63 -4.59 13.98
CA LYS A 163 -11.99 -4.98 14.37
C LYS A 163 -12.20 -4.87 15.88
N LYS A 164 -11.13 -5.03 16.66
CA LYS A 164 -11.25 -4.92 18.12
C LYS A 164 -11.17 -3.49 18.61
N GLU A 165 -10.40 -2.62 17.94
CA GLU A 165 -10.02 -1.34 18.49
C GLU A 165 -10.57 -0.12 17.76
N MET A 166 -11.18 -0.28 16.59
CA MET A 166 -11.62 0.86 15.80
C MET A 166 -13.08 0.70 15.40
N PRO A 167 -13.80 1.81 15.23
CA PRO A 167 -15.16 1.73 14.70
C PRO A 167 -15.13 1.32 13.25
N PRO A 168 -16.23 0.77 12.73
CA PRO A 168 -16.24 0.29 11.34
C PRO A 168 -16.09 1.38 10.30
N THR A 169 -16.25 2.65 10.66
CA THR A 169 -16.08 3.75 9.73
C THR A 169 -14.68 4.36 9.75
N ASN A 170 -13.80 3.89 10.63
CA ASN A 170 -12.48 4.49 10.72
C ASN A 170 -11.77 4.40 9.36
N PRO A 171 -11.27 5.50 8.81
CA PRO A 171 -10.69 5.45 7.46
C PRO A 171 -9.56 4.45 7.28
N ILE A 172 -8.69 4.27 8.28
CA ILE A 172 -7.61 3.28 8.12
C ILE A 172 -8.18 1.86 8.13
N ARG A 173 -9.18 1.61 8.98
CA ARG A 173 -9.86 0.32 8.94
C ARG A 173 -10.49 0.06 7.58
N LEU A 174 -11.15 1.08 7.00
CA LEU A 174 -11.77 0.93 5.70
C LEU A 174 -10.74 0.70 4.59
N GLY A 175 -9.67 1.50 4.59
CA GLY A 175 -8.65 1.34 3.56
C GLY A 175 -7.94 0.00 3.66
N LEU A 176 -7.71 -0.47 4.88
CA LEU A 176 -7.14 -1.80 5.09
C LEU A 176 -8.04 -2.88 4.48
N ALA A 177 -9.33 -2.81 4.77
CA ALA A 177 -10.26 -3.82 4.25
C ALA A 177 -10.33 -3.75 2.73
N LEU A 178 -10.37 -2.54 2.17
CA LEU A 178 -10.32 -2.37 0.73
C LEU A 178 -9.11 -3.08 0.12
N ASN A 179 -7.93 -2.84 0.70
CA ASN A 179 -6.70 -3.39 0.12
C ASN A 179 -6.60 -4.89 0.35
N PHE A 180 -7.05 -5.38 1.50
CA PHE A 180 -7.05 -6.83 1.72
C PHE A 180 -8.01 -7.51 0.75
N SER A 181 -9.15 -6.88 0.46
N SER A 181 -9.14 -6.86 0.45
CA SER A 181 -10.05 -7.45 -0.54
CA SER A 181 -10.06 -7.41 -0.52
C SER A 181 -9.39 -7.51 -1.92
C SER A 181 -9.44 -7.47 -1.91
N VAL A 182 -8.65 -6.46 -2.29
CA VAL A 182 -7.91 -6.50 -3.56
C VAL A 182 -6.88 -7.62 -3.55
N PHE A 183 -6.15 -7.77 -2.44
CA PHE A 183 -5.26 -8.91 -2.27
C PHE A 183 -5.99 -10.23 -2.56
N HIS A 184 -7.16 -10.43 -1.94
CA HIS A 184 -7.89 -11.68 -2.16
C HIS A 184 -8.23 -11.88 -3.64
N TYR A 185 -8.68 -10.82 -4.31
CA TYR A 185 -9.15 -10.95 -5.69
C TYR A 185 -7.99 -11.16 -6.65
N GLU A 186 -6.95 -10.34 -6.52
CA GLU A 186 -5.89 -10.23 -7.53
C GLU A 186 -4.70 -11.14 -7.25
N ILE A 187 -4.42 -11.45 -5.99
CA ILE A 187 -3.21 -12.16 -5.60
C ILE A 187 -3.51 -13.58 -5.16
N ALA A 188 -4.49 -13.75 -4.28
CA ALA A 188 -4.77 -15.05 -3.69
C ALA A 188 -5.78 -15.88 -4.49
N ASN A 189 -6.28 -15.37 -5.62
CA ASN A 189 -7.22 -16.11 -6.45
C ASN A 189 -8.46 -16.52 -5.64
N SER A 190 -8.93 -15.60 -4.80
CA SER A 190 -10.09 -15.84 -3.93
C SER A 190 -11.12 -14.75 -4.18
N PRO A 191 -11.74 -14.71 -5.36
CA PRO A 191 -12.73 -13.65 -5.62
C PRO A 191 -13.92 -13.67 -4.67
N GLU A 192 -14.39 -14.85 -4.25
CA GLU A 192 -15.51 -14.87 -3.31
C GLU A 192 -15.14 -14.25 -1.97
N GLU A 193 -13.93 -14.51 -1.47
CA GLU A 193 -13.48 -13.87 -0.23
C GLU A 193 -13.38 -12.37 -0.40
N ALA A 194 -12.88 -11.92 -1.55
CA ALA A 194 -12.77 -10.49 -1.83
C ALA A 194 -14.14 -9.82 -1.80
N ILE A 195 -15.11 -10.43 -2.46
CA ILE A 195 -16.46 -9.86 -2.53
C ILE A 195 -17.10 -9.86 -1.15
N SER A 196 -16.97 -10.94 -0.39
N SER A 196 -17.00 -10.96 -0.41
CA SER A 196 -17.58 -11.02 0.93
CA SER A 196 -17.57 -11.03 0.93
C SER A 196 -16.97 -10.01 1.89
C SER A 196 -16.98 -9.95 1.81
N LEU A 197 -15.66 -9.81 1.81
CA LEU A 197 -15.02 -8.81 2.67
C LEU A 197 -15.47 -7.40 2.29
N ALA A 198 -15.51 -7.08 0.99
CA ALA A 198 -15.92 -5.75 0.58
C ALA A 198 -17.36 -5.47 0.99
N LYS A 199 -18.26 -6.45 0.83
N LYS A 199 -18.26 -6.45 0.80
CA LYS A 199 -19.67 -6.23 1.17
CA LYS A 199 -19.67 -6.27 1.17
C LYS A 199 -19.88 -6.06 2.67
C LYS A 199 -19.83 -6.04 2.66
N THR A 200 -19.27 -6.93 3.47
CA THR A 200 -19.42 -6.82 4.91
C THR A 200 -18.83 -5.50 5.43
N THR A 201 -17.68 -5.10 4.90
CA THR A 201 -17.06 -3.85 5.31
C THR A 201 -17.97 -2.68 4.97
N PHE A 202 -18.50 -2.67 3.74
CA PHE A 202 -19.37 -1.57 3.33
C PHE A 202 -20.61 -1.50 4.22
N ASP A 203 -21.25 -2.65 4.46
CA ASP A 203 -22.51 -2.65 5.20
C ASP A 203 -22.30 -2.24 6.65
N GLU A 204 -21.21 -2.68 7.27
CA GLU A 204 -20.99 -2.32 8.66
C GLU A 204 -20.60 -0.85 8.80
N ALA A 205 -19.92 -0.29 7.82
CA ALA A 205 -19.64 1.14 7.83
C ALA A 205 -20.92 1.95 7.64
N MET A 206 -21.77 1.54 6.69
CA MET A 206 -23.04 2.24 6.47
C MET A 206 -23.83 2.37 7.76
N ALA A 207 -23.89 1.30 8.54
CA ALA A 207 -24.65 1.27 9.78
C ALA A 207 -24.06 2.15 10.89
N ASP A 208 -22.82 2.62 10.72
CA ASP A 208 -22.14 3.42 11.74
C ASP A 208 -22.01 4.89 11.31
N LEU A 209 -22.43 5.25 10.09
CA LEU A 209 -22.28 6.63 9.63
C LEU A 209 -23.05 7.61 10.52
N HIS A 210 -24.14 7.16 11.13
CA HIS A 210 -24.99 8.05 11.94
C HIS A 210 -24.25 8.65 13.12
N THR A 211 -23.11 8.08 13.52
CA THR A 211 -22.36 8.56 14.66
C THR A 211 -21.39 9.68 14.32
N LEU A 212 -21.22 10.01 13.04
CA LEU A 212 -20.13 10.83 12.57
C LEU A 212 -20.52 12.28 12.35
N SER A 213 -19.54 13.17 12.54
CA SER A 213 -19.63 14.54 12.09
C SER A 213 -19.65 14.60 10.56
N GLU A 214 -19.94 15.79 10.03
CA GLU A 214 -19.97 15.98 8.58
C GLU A 214 -18.61 15.69 7.95
N ASP A 215 -17.53 16.13 8.61
CA ASP A 215 -16.20 15.91 8.03
C ASP A 215 -15.80 14.44 8.08
N SER A 216 -16.08 13.76 9.19
CA SER A 216 -15.76 12.33 9.27
C SER A 216 -16.61 11.53 8.29
N TYR A 217 -17.87 11.91 8.14
CA TYR A 217 -18.74 11.29 7.16
C TYR A 217 -18.16 11.37 5.76
N LYS A 218 -17.60 12.53 5.39
CA LYS A 218 -17.00 12.67 4.08
C LYS A 218 -15.82 11.74 3.91
N ASP A 219 -14.96 11.64 4.93
CA ASP A 219 -13.79 10.77 4.85
C ASP A 219 -14.22 9.31 4.66
N SER A 220 -15.17 8.85 5.47
CA SER A 220 -15.57 7.45 5.42
C SER A 220 -16.30 7.10 4.13
N THR A 221 -17.22 7.97 3.69
CA THR A 221 -17.98 7.64 2.49
C THR A 221 -17.10 7.64 1.24
N LEU A 222 -16.01 8.40 1.23
N LEU A 222 -16.01 8.41 1.24
CA LEU A 222 -15.12 8.37 0.07
CA LEU A 222 -15.10 8.38 0.09
C LEU A 222 -14.51 6.98 -0.10
C LEU A 222 -14.52 6.98 -0.10
N ILE A 223 -14.09 6.34 0.99
CA ILE A 223 -13.53 5.00 0.89
C ILE A 223 -14.60 3.96 0.65
N MET A 224 -15.79 4.16 1.24
CA MET A 224 -16.89 3.26 0.94
C MET A 224 -17.21 3.21 -0.55
N GLN A 225 -17.06 4.34 -1.24
CA GLN A 225 -17.32 4.37 -2.67
C GLN A 225 -16.32 3.51 -3.43
N LEU A 226 -15.06 3.48 -2.97
CA LEU A 226 -14.08 2.58 -3.58
C LEU A 226 -14.48 1.13 -3.40
N LEU A 227 -14.97 0.75 -2.21
CA LEU A 227 -15.48 -0.60 -2.01
C LEU A 227 -16.62 -0.89 -2.98
N ARG A 228 -17.54 0.06 -3.13
CA ARG A 228 -18.67 -0.12 -4.05
C ARG A 228 -18.18 -0.24 -5.49
N ASP A 229 -17.20 0.56 -5.87
CA ASP A 229 -16.67 0.48 -7.23
C ASP A 229 -16.13 -0.90 -7.52
N ASN A 230 -15.41 -1.50 -6.56
CA ASN A 230 -14.88 -2.84 -6.78
C ASN A 230 -16.01 -3.86 -6.84
N LEU A 231 -17.01 -3.73 -5.95
CA LEU A 231 -18.12 -4.68 -6.00
C LEU A 231 -18.85 -4.60 -7.33
N THR A 232 -18.99 -3.39 -7.89
CA THR A 232 -19.62 -3.25 -9.19
C THR A 232 -18.77 -3.89 -10.30
N LEU A 233 -17.45 -3.77 -10.18
CA LEU A 233 -16.55 -4.38 -11.15
C LEU A 233 -16.58 -5.91 -11.05
N TRP A 234 -16.77 -6.46 -9.85
CA TRP A 234 -16.61 -7.88 -9.59
C TRP A 234 -17.91 -8.67 -9.66
N THR A 235 -19.06 -7.99 -9.70
CA THR A 235 -20.34 -8.68 -9.67
C THR A 235 -21.27 -8.19 -10.79
N ARG B 8 -11.25 -3.87 -15.95
CA ARG B 8 -10.08 -3.09 -15.54
C ARG B 8 -9.53 -3.62 -14.22
N ARG B 9 -8.46 -3.00 -13.75
CA ARG B 9 -7.90 -3.35 -12.45
C ARG B 9 -8.76 -2.72 -11.34
N PRO B 10 -8.83 -3.36 -10.17
CA PRO B 10 -9.67 -2.82 -9.10
C PRO B 10 -8.97 -1.68 -8.38
N SER B 11 -9.76 -0.96 -7.58
CA SER B 11 -9.27 0.18 -6.84
C SER B 11 -8.72 -0.25 -5.50
N TRP B 13 -6.64 1.58 -2.09
N TRP B 13 -6.60 1.56 -2.10
CA TRP B 13 -6.80 2.89 -1.51
CA TRP B 13 -6.65 2.88 -1.48
C TRP B 13 -5.85 3.89 -2.15
C TRP B 13 -5.83 3.87 -2.30
N ARG B 14 -6.40 5.07 -2.48
CA ARG B 14 -5.66 6.16 -3.10
C ARG B 14 -6.36 7.45 -2.71
N GLN B 15 -5.60 8.52 -2.49
CA GLN B 15 -6.22 9.80 -2.16
C GLN B 15 -6.22 10.75 -3.36
#